data_6WTA
#
_entry.id   6WTA
#
_cell.length_a   35.364
_cell.length_b   63.022
_cell.length_c   65.366
_cell.angle_alpha   90.00
_cell.angle_beta   90.00
_cell.angle_gamma   90.00
#
_symmetry.space_group_name_H-M   'P 21 21 21'
#
loop_
_entity.id
_entity.type
_entity.pdbx_description
1 polymer 'Uncharacterized protein'
2 non-polymer 'COENZYME F420-4'
3 water water
#
_entity_poly.entity_id   1
_entity_poly.type   'polypeptide(L)'
_entity_poly.pdbx_seq_one_letter_code
;MTDAELSPTDWVREQTERILEQGTTDGVHVLDRPIVLFTTTGAKSGKKRYVPLMRVEENGKYAMVASKGGDPKHPSWYFN
VKANPTVSVQDGDKVLPDRTARELEGEEREHWWKLAVEAYPPYAEYQTKTDRLIPVFIVE
;
_entity_poly.pdbx_strand_id   A,Z
#
loop_
_chem_comp.id
_chem_comp.type
_chem_comp.name
_chem_comp.formula
UBM non-polymer 'COENZYME F420-4' 'C39 H50 N7 O24 P'
#
# COMPACT_ATOMS: atom_id res chain seq x y z
N ALA A 4 -13.90 6.90 7.64
CA ALA A 4 -13.12 5.80 7.12
C ALA A 4 -12.95 4.71 8.17
N GLU A 5 -12.86 3.47 7.72
CA GLU A 5 -12.77 2.32 8.62
C GLU A 5 -11.33 1.95 8.86
N LEU A 6 -11.04 1.48 10.07
CA LEU A 6 -9.72 1.03 10.43
C LEU A 6 -9.60 -0.47 10.17
N SER A 7 -8.38 -0.91 9.90
CA SER A 7 -8.14 -2.30 9.59
C SER A 7 -8.60 -3.19 10.75
N PRO A 8 -9.20 -4.35 10.46
CA PRO A 8 -9.43 -5.32 11.55
C PRO A 8 -8.13 -5.94 12.05
N THR A 9 -7.04 -5.83 11.31
CA THR A 9 -5.75 -6.38 11.72
C THR A 9 -5.11 -5.47 12.77
N ASP A 10 -4.73 -6.05 13.91
CA ASP A 10 -4.39 -5.25 15.08
C ASP A 10 -3.20 -4.33 14.80
N TRP A 11 -2.10 -4.89 14.29
CA TRP A 11 -0.91 -4.06 14.11
C TRP A 11 -1.13 -3.01 13.02
N VAL A 12 -1.92 -3.34 11.99
CA VAL A 12 -2.21 -2.36 10.96
C VAL A 12 -3.09 -1.24 11.52
N ARG A 13 -4.12 -1.60 12.29
CA ARG A 13 -4.96 -0.60 12.92
C ARG A 13 -4.14 0.28 13.86
N GLU A 14 -3.26 -0.33 14.65
CA GLU A 14 -2.43 0.43 15.57
C GLU A 14 -1.57 1.46 14.82
N GLN A 15 -0.94 1.04 13.72
CA GLN A 15 -0.10 1.97 12.97
C GLN A 15 -0.95 3.06 12.33
N THR A 16 -2.15 2.72 11.85
CA THR A 16 -3.03 3.72 11.27
C THR A 16 -3.42 4.77 12.32
N GLU A 17 -3.81 4.31 13.51
CA GLU A 17 -4.16 5.22 14.60
C GLU A 17 -2.98 6.14 14.93
N ARG A 18 -1.76 5.61 14.91
CA ARG A 18 -0.59 6.43 15.19
C ARG A 18 -0.42 7.52 14.14
N ILE A 19 -0.57 7.17 12.86
CA ILE A 19 -0.50 8.18 11.80
C ILE A 19 -1.53 9.28 12.07
N LEU A 20 -2.76 8.88 12.37
CA LEU A 20 -3.82 9.87 12.52
C LEU A 20 -3.59 10.76 13.73
N GLU A 21 -3.08 10.20 14.83
CA GLU A 21 -2.86 11.02 16.01
C GLU A 21 -1.70 11.98 15.82
N GLN A 22 -0.70 11.58 15.03
CA GLN A 22 0.46 12.43 14.76
C GLN A 22 0.17 13.50 13.72
N GLY A 23 -0.76 13.24 12.81
CA GLY A 23 -0.93 14.08 11.64
C GLY A 23 0.07 13.83 10.54
N THR A 24 0.85 12.75 10.63
CA THR A 24 1.88 12.47 9.65
C THR A 24 2.30 11.01 9.73
N THR A 25 2.72 10.47 8.58
CA THR A 25 3.31 9.14 8.53
C THR A 25 4.76 9.13 9.01
N ASP A 26 5.42 10.29 9.07
CA ASP A 26 6.81 10.34 9.48
C ASP A 26 7.00 9.67 10.84
N GLY A 27 7.93 8.74 10.91
CA GLY A 27 8.22 8.05 12.16
C GLY A 27 7.53 6.71 12.31
N VAL A 28 6.52 6.43 11.49
CA VAL A 28 5.85 5.14 11.51
C VAL A 28 6.50 4.24 10.47
N HIS A 29 7.06 3.12 10.92
CA HIS A 29 7.91 2.32 10.06
C HIS A 29 7.49 0.85 10.05
N VAL A 30 7.87 0.18 8.96
CA VAL A 30 7.95 -1.27 8.89
C VAL A 30 9.37 -1.64 8.51
N LEU A 31 10.01 -2.48 9.33
CA LEU A 31 11.41 -2.86 9.12
C LEU A 31 12.27 -1.64 8.86
N ASP A 32 11.98 -0.57 9.61
CA ASP A 32 12.73 0.69 9.61
C ASP A 32 12.53 1.50 8.32
N ARG A 33 11.51 1.18 7.53
CA ARG A 33 11.32 1.85 6.26
C ARG A 33 10.00 2.61 6.23
N PRO A 34 9.91 3.67 5.44
CA PRO A 34 8.74 4.55 5.48
C PRO A 34 7.52 3.93 4.82
N ILE A 35 6.36 4.43 5.25
CA ILE A 35 5.08 3.96 4.75
C ILE A 35 4.23 5.17 4.37
N VAL A 36 3.20 4.89 3.57
CA VAL A 36 2.21 5.88 3.16
C VAL A 36 0.84 5.36 3.54
N LEU A 37 -0.11 6.28 3.75
CA LEU A 37 -1.48 5.91 4.11
C LEU A 37 -2.38 6.17 2.91
N PHE A 38 -2.98 5.11 2.39
CA PHE A 38 -3.94 5.23 1.31
C PHE A 38 -5.36 5.18 1.87
N THR A 39 -6.23 6.00 1.28
CA THR A 39 -7.67 5.92 1.52
C THR A 39 -8.31 5.25 0.31
N THR A 40 -9.03 4.16 0.54
CA THR A 40 -9.65 3.38 -0.52
C THR A 40 -11.15 3.28 -0.26
N THR A 41 -11.87 2.73 -1.24
CA THR A 41 -13.31 2.55 -1.14
C THR A 41 -13.65 1.08 -1.42
N GLY A 42 -14.39 0.45 -0.50
CA GLY A 42 -14.67 -0.96 -0.63
C GLY A 42 -15.61 -1.26 -1.77
N ALA A 43 -15.29 -2.33 -2.52
CA ALA A 43 -16.02 -2.61 -3.75
C ALA A 43 -17.49 -2.91 -3.46
N LYS A 44 -17.78 -3.57 -2.36
CA LYS A 44 -19.15 -3.94 -2.04
C LYS A 44 -19.79 -3.03 -1.01
N SER A 45 -19.02 -2.61 0.00
CA SER A 45 -19.60 -1.80 1.06
C SER A 45 -19.71 -0.33 0.70
N GLY A 46 -18.90 0.15 -0.23
CA GLY A 46 -18.78 1.56 -0.46
C GLY A 46 -18.15 2.33 0.67
N LYS A 47 -17.65 1.65 1.70
CA LYS A 47 -17.02 2.30 2.83
C LYS A 47 -15.60 2.72 2.50
N LYS A 48 -15.20 3.87 3.03
CA LYS A 48 -13.80 4.27 2.96
C LYS A 48 -12.97 3.39 3.89
N ARG A 49 -11.80 2.98 3.42
CA ARG A 49 -10.91 2.14 4.22
C ARG A 49 -9.48 2.67 4.15
N TYR A 50 -8.87 2.80 5.33
CA TYR A 50 -7.49 3.22 5.43
C TYR A 50 -6.56 2.03 5.22
N VAL A 51 -5.68 2.14 4.24
CA VAL A 51 -4.74 1.07 3.93
C VAL A 51 -3.31 1.62 3.93
N PRO A 52 -2.53 1.40 4.98
CA PRO A 52 -1.10 1.74 4.90
C PRO A 52 -0.37 0.75 4.02
N LEU A 53 0.59 1.25 3.25
CA LEU A 53 1.45 0.42 2.41
C LEU A 53 2.86 0.99 2.46
N MET A 54 3.84 0.20 2.01
CA MET A 54 5.19 0.72 1.96
C MET A 54 5.25 1.89 0.98
N ARG A 55 6.13 2.84 1.26
CA ARG A 55 6.31 4.00 0.40
C ARG A 55 7.19 3.64 -0.80
N VAL A 56 6.62 3.73 -2.00
CA VAL A 56 7.33 3.54 -3.26
C VAL A 56 6.92 4.74 -4.12
N GLU A 57 7.88 5.61 -4.42
CA GLU A 57 7.56 6.91 -5.02
C GLU A 57 8.58 7.31 -6.07
N GLU A 58 8.11 8.05 -7.06
CA GLU A 58 8.99 8.61 -8.10
C GLU A 58 8.25 9.75 -8.77
N ASN A 59 8.85 10.93 -8.78
CA ASN A 59 8.32 12.13 -9.43
C ASN A 59 6.82 12.29 -9.19
N GLY A 60 6.43 12.13 -7.93
CA GLY A 60 5.09 12.43 -7.49
C GLY A 60 4.08 11.33 -7.64
N LYS A 61 4.45 10.21 -8.25
CA LYS A 61 3.57 9.06 -8.38
C LYS A 61 3.98 8.00 -7.36
N TYR A 62 3.00 7.18 -6.97
CA TYR A 62 3.21 6.18 -5.94
C TYR A 62 2.75 4.82 -6.43
N ALA A 63 3.34 3.78 -5.88
CA ALA A 63 2.93 2.42 -6.16
C ALA A 63 2.25 1.81 -4.95
N MET A 64 1.29 0.94 -5.22
CA MET A 64 0.65 0.08 -4.24
C MET A 64 1.01 -1.35 -4.63
N VAL A 65 1.76 -2.03 -3.77
CA VAL A 65 2.23 -3.39 -4.05
C VAL A 65 1.41 -4.36 -3.21
N ALA A 66 0.69 -5.27 -3.88
CA ALA A 66 -0.31 -6.10 -3.22
C ALA A 66 0.30 -7.45 -2.83
N SER A 67 0.99 -7.46 -1.70
CA SER A 67 1.59 -8.69 -1.19
C SER A 67 1.57 -8.63 0.33
N LYS A 68 0.51 -9.18 0.93
N LYS A 68 0.51 -9.19 0.92
CA LYS A 68 0.38 -9.22 2.39
CA LYS A 68 0.36 -9.27 2.37
C LYS A 68 1.29 -10.31 2.95
C LYS A 68 1.30 -10.35 2.91
N GLY A 69 2.59 -10.07 2.83
CA GLY A 69 3.57 -10.99 3.38
C GLY A 69 3.49 -12.37 2.77
N GLY A 70 3.47 -13.38 3.64
CA GLY A 70 3.46 -14.76 3.21
C GLY A 70 2.07 -15.31 2.99
N ASP A 71 1.24 -14.56 2.28
CA ASP A 71 -0.10 -15.01 1.88
C ASP A 71 -0.25 -14.66 0.40
N PRO A 72 -0.28 -15.65 -0.49
CA PRO A 72 -0.33 -15.32 -1.93
C PRO A 72 -1.67 -14.77 -2.38
N LYS A 73 -2.76 -15.13 -1.70
CA LYS A 73 -4.08 -14.63 -2.09
C LYS A 73 -4.10 -13.11 -2.07
N HIS A 74 -4.88 -12.52 -2.96
CA HIS A 74 -4.89 -11.07 -3.08
C HIS A 74 -5.54 -10.46 -1.84
N PRO A 75 -5.02 -9.34 -1.34
CA PRO A 75 -5.72 -8.62 -0.28
C PRO A 75 -7.01 -8.00 -0.79
N SER A 76 -7.93 -7.77 0.14
CA SER A 76 -9.20 -7.18 -0.24
C SER A 76 -9.01 -5.83 -0.93
N TRP A 77 -8.02 -5.04 -0.50
CA TRP A 77 -7.85 -3.72 -1.09
C TRP A 77 -7.48 -3.80 -2.57
N TYR A 78 -6.94 -4.94 -3.02
CA TYR A 78 -6.69 -5.13 -4.44
C TYR A 78 -7.98 -5.08 -5.25
N PHE A 79 -9.01 -5.80 -4.79
CA PHE A 79 -10.30 -5.76 -5.47
C PHE A 79 -10.96 -4.40 -5.32
N ASN A 80 -10.74 -3.72 -4.18
CA ASN A 80 -11.36 -2.41 -3.96
C ASN A 80 -10.81 -1.37 -4.92
N VAL A 81 -9.50 -1.35 -5.15
N VAL A 81 -9.49 -1.37 -5.14
CA VAL A 81 -8.92 -0.32 -6.00
CA VAL A 81 -8.88 -0.36 -6.00
C VAL A 81 -9.12 -0.65 -7.48
C VAL A 81 -9.17 -0.65 -7.46
N LYS A 82 -9.32 -1.92 -7.83
CA LYS A 82 -9.76 -2.24 -9.19
C LYS A 82 -11.21 -1.80 -9.40
N ALA A 83 -12.04 -1.96 -8.36
CA ALA A 83 -13.45 -1.56 -8.46
C ALA A 83 -13.59 -0.04 -8.38
N ASN A 84 -12.80 0.59 -7.50
CA ASN A 84 -12.87 2.03 -7.26
C ASN A 84 -11.45 2.57 -7.39
N PRO A 85 -11.04 2.97 -8.59
CA PRO A 85 -9.65 3.41 -8.79
C PRO A 85 -9.30 4.72 -8.08
N THR A 86 -10.29 5.48 -7.61
CA THR A 86 -9.99 6.75 -6.95
C THR A 86 -9.52 6.50 -5.53
N VAL A 87 -8.30 6.96 -5.23
CA VAL A 87 -7.69 6.81 -3.92
C VAL A 87 -7.10 8.15 -3.50
N SER A 88 -6.87 8.29 -2.19
CA SER A 88 -6.07 9.37 -1.65
C SER A 88 -4.76 8.77 -1.14
N VAL A 89 -3.70 9.56 -1.12
CA VAL A 89 -2.42 9.11 -0.60
C VAL A 89 -1.85 10.19 0.31
N GLN A 90 -1.45 9.78 1.51
CA GLN A 90 -0.80 10.66 2.48
C GLN A 90 0.64 10.24 2.62
N ASP A 91 1.55 11.14 2.28
CA ASP A 91 2.99 10.93 2.40
C ASP A 91 3.52 12.02 3.32
N GLY A 92 3.86 11.64 4.55
CA GLY A 92 4.14 12.62 5.57
C GLY A 92 2.85 13.23 6.09
N ASP A 93 2.80 14.56 6.14
CA ASP A 93 1.59 15.27 6.50
C ASP A 93 0.86 15.83 5.28
N LYS A 94 1.32 15.48 4.08
CA LYS A 94 0.72 15.95 2.84
C LYS A 94 -0.25 14.91 2.32
N VAL A 95 -1.48 15.33 2.06
CA VAL A 95 -2.52 14.45 1.52
C VAL A 95 -2.74 14.83 0.06
N LEU A 96 -2.71 13.82 -0.81
CA LEU A 96 -3.04 13.99 -2.22
C LEU A 96 -4.39 13.35 -2.47
N PRO A 97 -5.47 14.15 -2.57
CA PRO A 97 -6.80 13.56 -2.75
C PRO A 97 -7.09 13.23 -4.20
N ASP A 98 -8.03 12.32 -4.39
CA ASP A 98 -8.58 12.00 -5.70
C ASP A 98 -7.49 11.67 -6.72
N ARG A 99 -6.59 10.77 -6.33
CA ARG A 99 -5.64 10.18 -7.26
C ARG A 99 -6.27 8.95 -7.90
N THR A 100 -5.68 8.51 -9.01
CA THR A 100 -6.22 7.39 -9.79
C THR A 100 -5.22 6.24 -9.78
N ALA A 101 -5.67 5.08 -9.31
CA ALA A 101 -4.86 3.87 -9.30
C ALA A 101 -5.07 3.06 -10.58
N ARG A 102 -3.97 2.50 -11.09
CA ARG A 102 -3.98 1.77 -12.34
C ARG A 102 -3.03 0.58 -12.25
N GLU A 103 -3.53 -0.61 -12.56
CA GLU A 103 -2.69 -1.81 -12.42
C GLU A 103 -1.69 -1.88 -13.57
N LEU A 104 -0.43 -2.12 -13.22
CA LEU A 104 0.65 -2.12 -14.19
C LEU A 104 0.88 -3.52 -14.76
N GLU A 105 1.35 -3.56 -16.00
CA GLU A 105 1.69 -4.81 -16.66
C GLU A 105 2.98 -4.61 -17.46
N GLY A 106 3.65 -5.71 -17.74
CA GLY A 106 4.77 -5.67 -18.69
C GLY A 106 5.96 -4.89 -18.15
N GLU A 107 6.59 -4.14 -19.04
CA GLU A 107 7.81 -3.43 -18.67
C GLU A 107 7.54 -2.28 -17.71
N GLU A 108 6.37 -1.65 -17.81
CA GLU A 108 6.04 -0.59 -16.86
C GLU A 108 5.93 -1.15 -15.46
N ARG A 109 5.34 -2.34 -15.31
CA ARG A 109 5.34 -2.98 -14.00
C ARG A 109 6.77 -3.20 -13.52
N GLU A 110 7.64 -3.64 -14.42
CA GLU A 110 9.03 -3.91 -14.04
C GLU A 110 9.70 -2.66 -13.47
N HIS A 111 9.48 -1.51 -14.12
CA HIS A 111 10.11 -0.27 -13.65
C HIS A 111 9.76 0.01 -12.20
N TRP A 112 8.50 -0.24 -11.81
CA TRP A 112 8.05 0.07 -10.46
C TRP A 112 8.35 -1.06 -9.49
N TRP A 113 8.38 -2.31 -9.97
CA TRP A 113 8.84 -3.41 -9.13
C TRP A 113 10.28 -3.18 -8.68
N LYS A 114 11.14 -2.75 -9.60
CA LYS A 114 12.52 -2.43 -9.25
C LYS A 114 12.57 -1.39 -8.13
N LEU A 115 11.80 -0.32 -8.29
CA LEU A 115 11.76 0.72 -7.26
C LEU A 115 11.19 0.20 -5.96
N ALA A 116 10.23 -0.72 -6.04
CA ALA A 116 9.58 -1.23 -4.83
C ALA A 116 10.56 -2.08 -4.02
N VAL A 117 11.32 -2.94 -4.70
CA VAL A 117 12.32 -3.77 -4.03
C VAL A 117 13.47 -2.93 -3.53
N GLU A 118 13.82 -1.86 -4.25
CA GLU A 118 14.81 -0.92 -3.73
C GLU A 118 14.32 -0.31 -2.41
N ALA A 119 13.04 0.04 -2.35
CA ALA A 119 12.49 0.66 -1.13
C ALA A 119 12.29 -0.37 -0.04
N TYR A 120 11.89 -1.59 -0.40
CA TYR A 120 11.49 -2.60 0.59
C TYR A 120 11.96 -3.96 0.12
N PRO A 121 13.18 -4.37 0.48
CA PRO A 121 13.78 -5.58 -0.07
C PRO A 121 12.91 -6.82 0.13
N PRO A 122 12.18 -6.92 1.23
CA PRO A 122 11.36 -8.14 1.43
C PRO A 122 10.33 -8.38 0.34
N TYR A 123 9.97 -7.37 -0.46
CA TYR A 123 9.09 -7.63 -1.60
C TYR A 123 9.64 -8.74 -2.48
N ALA A 124 10.97 -8.77 -2.65
CA ALA A 124 11.58 -9.80 -3.48
C ALA A 124 11.33 -11.19 -2.89
N GLU A 125 11.46 -11.31 -1.56
CA GLU A 125 11.25 -12.60 -0.92
C GLU A 125 9.80 -13.06 -1.04
N TYR A 126 8.86 -12.13 -0.85
CA TYR A 126 7.45 -12.47 -1.01
C TYR A 126 7.19 -13.04 -2.40
N GLN A 127 7.89 -12.51 -3.42
CA GLN A 127 7.66 -12.98 -4.78
C GLN A 127 8.17 -14.40 -4.99
N THR A 128 9.25 -14.79 -4.29
CA THR A 128 9.75 -16.14 -4.43
C THR A 128 8.81 -17.18 -3.86
N LYS A 129 7.72 -16.76 -3.21
CA LYS A 129 6.76 -17.66 -2.60
C LYS A 129 5.44 -17.72 -3.36
N THR A 130 5.31 -16.99 -4.47
CA THR A 130 4.18 -17.13 -5.37
C THR A 130 4.70 -17.36 -6.79
N ASP A 131 3.93 -18.11 -7.59
CA ASP A 131 4.30 -18.35 -8.97
C ASP A 131 3.80 -17.28 -9.93
N ARG A 132 2.85 -16.46 -9.50
N ARG A 132 2.88 -16.43 -9.50
CA ARG A 132 2.36 -15.33 -10.28
CA ARG A 132 2.36 -15.35 -10.34
C ARG A 132 3.10 -14.06 -9.87
C ARG A 132 2.93 -14.02 -9.87
N LEU A 133 3.24 -13.15 -10.82
CA LEU A 133 3.79 -11.84 -10.51
C LEU A 133 2.88 -11.10 -9.53
N ILE A 134 3.48 -10.45 -8.55
CA ILE A 134 2.71 -9.70 -7.54
C ILE A 134 2.09 -8.47 -8.21
N PRO A 135 0.80 -8.19 -7.99
CA PRO A 135 0.19 -7.02 -8.62
C PRO A 135 0.81 -5.73 -8.11
N VAL A 136 1.03 -4.79 -9.04
CA VAL A 136 1.53 -3.47 -8.71
C VAL A 136 0.62 -2.44 -9.37
N PHE A 137 0.10 -1.52 -8.56
CA PHE A 137 -0.69 -0.40 -9.06
C PHE A 137 0.16 0.86 -9.03
N ILE A 138 0.07 1.68 -10.08
CA ILE A 138 0.59 3.03 -10.04
C ILE A 138 -0.54 3.96 -9.63
N VAL A 139 -0.20 5.00 -8.86
CA VAL A 139 -1.17 5.98 -8.37
C VAL A 139 -0.75 7.33 -8.95
N GLU A 140 -1.56 7.87 -9.83
CA GLU A 140 -1.18 9.01 -10.66
C GLU A 140 -2.13 10.18 -10.51
N MET B 1 7.24 -7.73 8.42
CA MET B 1 6.36 -6.61 8.70
C MET B 1 6.23 -6.41 10.21
N THR B 2 7.01 -5.46 10.73
CA THR B 2 7.09 -5.17 12.15
C THR B 2 6.02 -4.14 12.55
N ASP B 3 5.78 -4.05 13.85
CA ASP B 3 4.68 -3.25 14.38
C ASP B 3 5.11 -1.85 14.77
N ALA B 4 6.31 -1.68 15.32
CA ALA B 4 6.68 -0.46 16.04
C ALA B 4 5.68 -0.20 17.17
N GLU B 5 5.37 -1.27 17.90
CA GLU B 5 4.28 -1.29 18.87
C GLU B 5 4.20 0.01 19.66
N LEU B 6 5.17 0.25 20.53
CA LEU B 6 5.23 1.50 21.28
C LEU B 6 6.25 1.41 22.41
C14 UBM C . 2.40 -3.57 1.69
C01 UBM C . 2.34 -0.88 7.23
C02 UBM C . 2.83 -1.14 5.98
C03 UBM C . 2.16 -2.05 5.09
C04 UBM C . 0.97 -2.66 5.54
C05 UBM C . 0.48 -2.35 6.82
C06 UBM C . 1.15 -1.48 7.64
C09 UBM C . 0.78 -3.83 3.44
C11 UBM C . 0.52 -5.00 1.45
C16 UBM C . 1.96 -3.23 2.98
C17 UBM C . 2.65 -2.36 3.81
C18 UBM C . -0.96 -4.23 5.04
C19 UBM C . -2.24 -3.59 4.53
C20 UBM C . -3.39 -4.61 4.68
C21 UBM C . -3.11 -5.91 3.92
C22 UBM C . -4.37 -6.73 3.81
C30 UBM C . -7.52 -7.72 6.71
C33 UBM C . -12.72 -6.72 6.53
C34 UBM C . -11.63 -5.85 5.87
C36 UBM C . -12.19 -5.14 4.66
C38 UBM C . -12.50 -6.07 3.52
C39 UBM C . -12.97 -5.27 2.33
C41 UBM C . -9.24 -6.21 5.75
C42 UBM C . -8.08 -7.10 5.43
C45 UBM C . -15.64 -4.09 0.91
C46 UBM C . -14.56 -5.12 0.48
C48 UBM C . -15.03 -6.17 -0.55
C50 UBM C . -13.85 -6.87 -1.24
C51 UBM C . -14.19 -7.65 -2.49
C55 UBM C . -15.42 -10.13 -3.76
C56 UBM C . -13.91 -9.77 -3.69
C58 UBM C . -13.09 -11.06 -3.61
C59 UBM C . -13.16 -11.85 -4.90
C60 UBM C . -12.30 -13.09 -4.88
C63 UBM C . -11.38 -15.84 -5.49
C64 UBM C . -11.08 -14.69 -6.46
C66 UBM C . -9.58 -14.37 -6.55
C68 UBM C . -8.99 -14.37 -7.96
C69 UBM C . -8.74 -13.02 -8.62
N08 UBM C . 0.29 -3.54 4.68
N10 UBM C . 0.09 -4.70 2.66
N13 UBM C . 1.65 -4.47 0.94
N31 UBM C . -10.47 -6.68 5.55
N49 UBM C . -13.99 -5.77 1.65
N53 UBM C . -13.68 -8.87 -2.58
N67 UBM C . -11.90 -13.53 -6.10
O07 UBM C . 0.63 -1.22 8.89
O12 UBM C . -0.14 -5.79 0.79
O15 UBM C . 3.42 -3.08 1.26
O23 UBM C . -2.34 -2.38 5.25
O24 UBM C . -3.59 -4.99 6.07
O25 UBM C . -2.52 -5.71 2.62
O27 UBM C . -5.37 -5.95 3.13
O28 UBM C . -7.61 -5.32 2.48
O29 UBM C . -7.00 -7.86 2.84
O32 UBM C . -13.70 -6.12 7.01
O35 UBM C . -12.56 -7.95 6.53
O37 UBM C . -9.04 -5.07 6.19
O40 UBM C . -12.44 -4.21 2.02
O43 UBM C . -7.10 -6.30 4.81
O44 UBM C . -15.62 -3.68 2.08
O47 UBM C . -16.46 -3.72 0.05
O52 UBM C . -14.90 -7.19 -3.39
O54 UBM C . -16.00 -10.08 -4.87
O57 UBM C . -15.94 -10.46 -2.70
O61 UBM C . -12.01 -13.63 -3.81
O62 UBM C . -12.53 -16.33 -5.54
O65 UBM C . -10.47 -16.21 -4.73
O70 UBM C . -9.73 -12.29 -8.86
O71 UBM C . -7.56 -12.69 -8.91
P26 UBM C . -6.90 -6.41 3.25
H011 UBM C . 2.78 -0.28 7.79
H021 UBM C . 3.63 -0.73 5.70
H051 UBM C . -0.32 -2.75 7.11
H171 UBM C . 3.44 -1.96 3.52
H182 UBM C . -1.00 -4.27 6.01
H181 UBM C . -0.91 -5.14 4.70
H191 UBM C . -2.23 -3.37 3.58
H201 UBM C . -4.22 -4.22 4.37
H211 UBM C . -2.46 -6.40 4.45
H221 UBM C . -4.69 -6.97 4.69
H222 UBM C . -4.19 -7.54 3.29
H303 UBM C . -6.98 -8.49 6.49
H301 UBM C . -8.26 -8.01 7.28
H302 UBM C . -6.98 -7.07 7.17
H341 UBM C . -11.36 -5.16 6.49
H362 UBM C . -11.54 -4.48 4.35
H361 UBM C . -13.00 -4.68 4.92
H382 UBM C . -13.20 -6.70 3.79
H381 UBM C . -11.70 -6.58 3.28
H421 UBM C . -8.37 -7.80 4.81
H461 UBM C . -13.87 -4.61 0.04
H482 UBM C . -15.57 -5.74 -1.23
H481 UBM C . -15.57 -6.84 -0.10
H501 UBM C . -13.44 -7.48 -0.60
H502 UBM C . -13.19 -6.18 -1.47
H561 UBM C . -13.66 -9.31 -4.51
H582 UBM C . -13.42 -11.60 -2.88
H581 UBM C . -12.16 -10.82 -3.44
H591 UBM C . -12.87 -11.28 -5.63
H592 UBM C . -14.08 -12.11 -5.06
H641 UBM C . -11.35 -14.98 -7.35
H661 UBM C . -9.43 -13.48 -6.17
H662 UBM C . -9.10 -15.02 -6.02
H682 UBM C . -8.16 -14.86 -7.93
H681 UBM C . -9.60 -14.86 -8.53
H311 UBM C . -10.58 -7.47 5.25
H491 UBM C . -14.32 -6.52 1.90
H531 UBM C . -13.19 -9.15 -1.92
H671 UBM C . -12.18 -13.06 -6.77
H071 UBM C . -0.18 -1.48 8.90
H231 UBM C . -3.16 -2.20 5.35
H241 UBM C . -3.07 -5.62 6.27
H251 UBM C . -2.46 -6.45 2.21
#